data_7C3U
#
_entry.id   7C3U
#
_cell.length_a   38.186
_cell.length_b   73.073
_cell.length_c   109.942
_cell.angle_alpha   90.00
_cell.angle_beta   90.00
_cell.angle_gamma   90.00
#
_symmetry.space_group_name_H-M   'P 21 21 21'
#
loop_
_entity.id
_entity.type
_entity.pdbx_description
1 polymer 'Cytidine and deoxycytidylate deaminase zinc-binding region'
2 non-polymer 'ZINC ION'
3 non-polymer 5-AMINO-1H-[1,2,3]TRIAZOLO[4,5-D]PYRIMIDIN-7-OL
4 non-polymer 1,2-ETHANEDIOL
5 water water
#
_entity_poly.entity_id   1
_entity_poly.type   'polypeptide(L)'
_entity_poly.pdbx_seq_one_letter_code
;MNDALHIGLPPFLVQANNEPRVLAAPEARMGYVLELVRANIAADGGPFAAAVFERDSGLLIAAGTARVVPGRCSAAHAEI
LALSLAQAKLDTHDLSADGLPACELVTSAEPCVMCFGAVIWSGVRSLVCAARSDDVEAIGFDEGPRPENWMGGLEARGIT
VTTGLLRDAACALLREYNACNGVIYNARCGVHK
;
_entity_poly.pdbx_strand_id   A,B
#
loop_
_chem_comp.id
_chem_comp.type
_chem_comp.name
_chem_comp.formula
AZG non-polymer 5-AMINO-1H-[1,2,3]TRIAZOLO[4,5-D]PYRIMIDIN-7-OL 'C4 H4 N6 O'
EDO non-polymer 1,2-ETHANEDIOL 'C2 H6 O2'
ZN non-polymer 'ZINC ION' 'Zn 2'
#
# COMPACT_ATOMS: atom_id res chain seq x y z
N ASN A 2 -15.12 -12.84 -2.27
CA ASN A 2 -14.47 -11.50 -2.26
C ASN A 2 -15.22 -10.48 -1.31
N ASP A 3 -15.07 -10.63 0.03
CA ASP A 3 -15.78 -9.86 1.07
C ASP A 3 -14.91 -8.90 1.92
N ALA A 4 -13.58 -8.97 1.82
CA ALA A 4 -12.69 -8.15 2.66
C ALA A 4 -11.32 -8.10 2.01
N LEU A 5 -10.50 -7.14 2.38
CA LEU A 5 -9.09 -7.29 2.03
C LEU A 5 -8.53 -8.06 3.22
N HIS A 6 -7.91 -9.19 2.94
CA HIS A 6 -7.52 -10.13 3.94
C HIS A 6 -6.20 -10.64 3.50
N ILE A 7 -5.15 -10.18 4.17
CA ILE A 7 -3.81 -10.69 3.98
C ILE A 7 -3.45 -11.55 5.17
N GLY A 8 -3.30 -12.85 4.91
CA GLY A 8 -2.99 -13.82 5.96
C GLY A 8 -1.54 -13.66 6.42
N LEU A 9 -1.31 -13.85 7.72
CA LEU A 9 0.06 -13.74 8.26
C LEU A 9 0.59 -15.17 8.47
N PRO A 10 1.77 -15.48 7.96
CA PRO A 10 2.36 -16.76 8.37
C PRO A 10 2.66 -16.88 9.85
N PRO A 11 2.76 -18.14 10.35
CA PRO A 11 2.87 -18.36 11.78
C PRO A 11 3.92 -17.52 12.51
N PHE A 12 5.12 -17.39 11.94
CA PHE A 12 6.19 -16.67 12.60
C PHE A 12 5.82 -15.23 12.81
N LEU A 13 5.01 -14.69 11.90
CA LEU A 13 4.62 -13.30 11.94
C LEU A 13 3.48 -13.12 12.90
N VAL A 14 2.60 -14.12 13.02
CA VAL A 14 1.62 -14.13 14.14
C VAL A 14 2.33 -14.12 15.48
N GLN A 15 3.33 -15.00 15.61
CA GLN A 15 4.14 -15.12 16.82
C GLN A 15 4.73 -13.75 17.17
N ALA A 16 5.38 -13.09 16.18
CA ALA A 16 5.96 -11.72 16.33
C ALA A 16 5.00 -10.67 16.84
N ASN A 17 3.80 -10.71 16.27
CA ASN A 17 2.73 -9.83 16.64
C ASN A 17 2.02 -10.21 17.97
N ASN A 18 2.25 -11.39 18.51
CA ASN A 18 1.57 -11.81 19.77
C ASN A 18 2.44 -11.63 21.00
N GLU A 19 3.74 -11.73 20.83
CA GLU A 19 4.63 -11.77 22.00
C GLU A 19 5.03 -10.36 22.40
N PRO A 20 4.85 -10.00 23.67
CA PRO A 20 5.36 -8.71 24.09
C PRO A 20 6.89 -8.71 24.10
N ARG A 21 7.45 -7.58 23.74
CA ARG A 21 8.83 -7.48 23.41
C ARG A 21 9.17 -5.97 23.44
N VAL A 22 10.26 -5.66 24.15
CA VAL A 22 10.73 -4.32 24.26
C VAL A 22 12.18 -4.32 23.86
N LEU A 23 12.58 -3.46 22.92
CA LEU A 23 13.95 -3.37 22.45
C LEU A 23 14.35 -1.89 22.43
N ALA A 24 15.24 -1.49 23.36
CA ALA A 24 15.57 -0.10 23.56
C ALA A 24 16.44 0.53 22.45
N ALA A 25 17.57 -0.10 22.13
CA ALA A 25 18.55 0.51 21.24
C ALA A 25 18.15 0.34 19.80
N PRO A 26 18.51 1.27 18.93
CA PRO A 26 18.19 1.10 17.49
C PRO A 26 18.69 -0.20 16.90
N GLU A 27 19.90 -0.59 17.27
CA GLU A 27 20.43 -1.84 16.80
C GLU A 27 19.65 -3.07 17.25
N ALA A 28 19.09 -3.03 18.46
CA ALA A 28 18.34 -4.12 18.94
C ALA A 28 17.03 -4.24 18.12
N ARG A 29 16.41 -3.09 17.86
CA ARG A 29 15.19 -3.07 17.04
C ARG A 29 15.47 -3.60 15.66
N MET A 30 16.53 -3.09 15.02
CA MET A 30 16.84 -3.55 13.69
C MET A 30 17.28 -5.01 13.66
N GLY A 31 17.97 -5.44 14.70
CA GLY A 31 18.34 -6.83 14.82
C GLY A 31 17.14 -7.72 14.72
N TYR A 32 16.10 -7.34 15.46
CA TYR A 32 14.85 -8.08 15.45
C TYR A 32 14.16 -8.06 14.05
N VAL A 33 14.09 -6.92 13.42
CA VAL A 33 13.59 -6.79 12.08
C VAL A 33 14.37 -7.64 11.11
N LEU A 34 15.70 -7.72 11.25
CA LEU A 34 16.45 -8.59 10.33
C LEU A 34 16.23 -10.10 10.59
N GLU A 35 15.91 -10.48 11.82
CA GLU A 35 15.48 -11.86 12.12
C GLU A 35 14.21 -12.18 11.35
N LEU A 36 13.28 -11.22 11.29
CA LEU A 36 12.04 -11.43 10.55
C LEU A 36 12.22 -11.53 9.06
N VAL A 37 13.18 -10.82 8.49
CA VAL A 37 13.53 -11.00 7.07
C VAL A 37 13.96 -12.44 6.79
N ARG A 38 14.91 -12.94 7.59
CA ARG A 38 15.31 -14.37 7.41
C ARG A 38 14.13 -15.32 7.54
N ALA A 39 13.25 -15.12 8.52
CA ALA A 39 12.11 -16.00 8.72
C ALA A 39 11.13 -15.87 7.59
N ASN A 40 10.98 -14.69 7.01
CA ASN A 40 10.06 -14.48 5.87
C ASN A 40 10.57 -15.16 4.58
N ILE A 41 11.87 -15.07 4.33
CA ILE A 41 12.46 -15.74 3.20
C ILE A 41 12.28 -17.27 3.34
N ALA A 42 12.35 -17.80 4.55
CA ALA A 42 12.04 -19.23 4.74
C ALA A 42 10.53 -19.55 4.65
N ALA A 43 9.64 -18.54 4.77
CA ALA A 43 8.17 -18.73 4.55
C ALA A 43 7.67 -18.16 3.23
N ASP A 44 8.48 -18.35 2.22
CA ASP A 44 8.11 -18.09 0.83
C ASP A 44 7.82 -16.60 0.56
N GLY A 45 8.33 -15.67 1.37
CA GLY A 45 8.18 -14.25 1.12
C GLY A 45 9.46 -13.54 0.64
N GLY A 46 9.34 -12.27 0.31
CA GLY A 46 10.49 -11.48 -0.11
C GLY A 46 11.41 -11.09 1.05
N PRO A 47 12.58 -10.57 0.72
CA PRO A 47 13.59 -10.29 1.73
C PRO A 47 13.39 -8.91 2.43
N PHE A 48 12.18 -8.71 3.03
CA PHE A 48 11.77 -7.41 3.59
C PHE A 48 10.98 -7.66 4.84
N ALA A 49 11.32 -6.89 5.84
CA ALA A 49 10.54 -6.87 7.07
C ALA A 49 10.54 -5.45 7.66
N ALA A 50 9.61 -5.23 8.60
CA ALA A 50 9.49 -3.92 9.24
C ALA A 50 8.68 -4.05 10.52
N ALA A 51 8.93 -3.17 11.47
CA ALA A 51 8.16 -3.25 12.70
C ALA A 51 7.92 -1.82 13.20
N VAL A 52 6.78 -1.65 13.80
CA VAL A 52 6.47 -0.41 14.50
C VAL A 52 6.72 -0.55 15.97
N PHE A 53 7.45 0.40 16.47
CA PHE A 53 7.84 0.51 17.89
C PHE A 53 7.38 1.82 18.43
N GLU A 54 7.05 1.80 19.72
CA GLU A 54 7.02 3.05 20.47
C GLU A 54 8.42 3.65 20.46
N ARG A 55 8.58 4.84 19.95
CA ARG A 55 9.89 5.38 19.76
C ARG A 55 10.71 5.49 21.08
N ASP A 56 10.04 5.87 22.15
CA ASP A 56 10.72 6.19 23.41
C ASP A 56 10.70 5.11 24.44
N SER A 57 9.92 4.05 24.28
CA SER A 57 10.01 2.94 25.23
C SER A 57 10.63 1.70 24.60
N GLY A 58 10.70 1.64 23.26
CA GLY A 58 11.04 0.43 22.54
C GLY A 58 10.02 -0.72 22.56
N LEU A 59 8.80 -0.49 23.08
CA LEU A 59 7.74 -1.52 22.99
C LEU A 59 7.39 -1.78 21.53
N LEU A 60 7.38 -3.05 21.13
CA LEU A 60 7.00 -3.48 19.80
C LEU A 60 5.50 -3.37 19.75
N ILE A 61 4.99 -2.64 18.77
CA ILE A 61 3.52 -2.61 18.54
C ILE A 61 3.06 -3.67 17.53
N ALA A 62 3.70 -3.70 16.37
CA ALA A 62 3.43 -4.64 15.36
C ALA A 62 4.58 -4.85 14.37
N ALA A 63 4.55 -5.98 13.66
CA ALA A 63 5.54 -6.30 12.65
C ALA A 63 4.87 -6.75 11.41
N GLY A 64 5.56 -6.53 10.30
CA GLY A 64 5.13 -6.96 9.05
C GLY A 64 6.27 -7.40 8.16
N THR A 65 5.92 -8.19 7.15
CA THR A 65 6.92 -8.71 6.20
C THR A 65 6.34 -8.71 4.81
N ALA A 66 7.16 -8.83 3.77
CA ALA A 66 6.65 -8.91 2.42
C ALA A 66 5.85 -10.20 2.17
N ARG A 67 4.59 -10.04 1.86
CA ARG A 67 3.74 -11.13 1.52
C ARG A 67 3.11 -10.90 0.14
N VAL A 68 3.83 -10.25 -0.77
CA VAL A 68 3.28 -9.91 -2.06
C VAL A 68 2.90 -11.18 -2.82
N VAL A 69 3.86 -12.12 -2.93
CA VAL A 69 3.66 -13.33 -3.76
C VAL A 69 2.77 -14.30 -3.01
N PRO A 70 3.13 -14.63 -1.78
CA PRO A 70 2.29 -15.60 -1.13
C PRO A 70 0.89 -15.11 -0.85
N GLY A 71 0.72 -13.79 -0.67
CA GLY A 71 -0.56 -13.25 -0.37
C GLY A 71 -1.30 -12.73 -1.62
N ARG A 72 -0.71 -12.86 -2.80
CA ARG A 72 -1.34 -12.42 -4.04
C ARG A 72 -1.80 -10.94 -3.95
N CYS A 73 -0.90 -10.07 -3.58
CA CYS A 73 -1.24 -8.68 -3.24
C CYS A 73 -0.05 -7.78 -3.37
N SER A 74 0.04 -7.00 -4.44
CA SER A 74 1.20 -6.19 -4.67
C SER A 74 1.37 -5.03 -3.63
N ALA A 75 0.30 -4.68 -2.93
CA ALA A 75 0.41 -3.68 -1.88
C ALA A 75 1.01 -4.25 -0.56
N ALA A 76 1.18 -5.57 -0.45
CA ALA A 76 1.60 -6.22 0.82
C ALA A 76 3.09 -6.20 1.03
N HIS A 77 3.65 -5.01 0.93
CA HIS A 77 5.02 -4.73 1.39
C HIS A 77 5.09 -4.79 2.91
N ALA A 78 6.29 -5.08 3.40
CA ALA A 78 6.54 -5.18 4.85
C ALA A 78 6.07 -3.92 5.61
N GLU A 79 6.34 -2.76 5.04
CA GLU A 79 6.01 -1.50 5.67
C GLU A 79 4.50 -1.24 5.77
N ILE A 80 3.76 -1.59 4.73
CA ILE A 80 2.33 -1.48 4.72
C ILE A 80 1.73 -2.36 5.78
N LEU A 81 2.16 -3.60 5.81
CA LEU A 81 1.66 -4.58 6.82
C LEU A 81 1.94 -4.12 8.23
N ALA A 82 3.19 -3.73 8.49
CA ALA A 82 3.57 -3.25 9.81
C ALA A 82 2.76 -2.04 10.25
N LEU A 83 2.67 -1.05 9.40
CA LEU A 83 1.92 0.15 9.74
C LEU A 83 0.42 -0.18 9.97
N SER A 84 -0.15 -1.00 9.06
CA SER A 84 -1.57 -1.28 9.13
C SER A 84 -1.92 -2.16 10.35
N LEU A 85 -1.05 -3.10 10.64
CA LEU A 85 -1.33 -3.95 11.82
C LEU A 85 -1.12 -3.18 13.12
N ALA A 86 -0.25 -2.19 13.10
CA ALA A 86 -0.09 -1.32 14.26
C ALA A 86 -1.34 -0.45 14.49
N GLN A 87 -1.84 0.07 13.40
CA GLN A 87 -3.11 0.82 13.44
C GLN A 87 -4.27 -0.04 13.93
N ALA A 88 -4.39 -1.27 13.45
CA ALA A 88 -5.49 -2.12 13.93
C ALA A 88 -5.40 -2.38 15.43
N LYS A 89 -4.19 -2.71 15.88
CA LYS A 89 -3.90 -2.89 17.30
C LYS A 89 -4.21 -1.71 18.21
N LEU A 90 -3.90 -0.51 17.77
CA LEU A 90 -4.21 0.65 18.55
C LEU A 90 -5.58 1.27 18.23
N ASP A 91 -6.34 0.67 17.30
CA ASP A 91 -7.68 1.07 16.96
C ASP A 91 -7.71 2.51 16.47
N THR A 92 -6.78 2.87 15.55
CA THR A 92 -6.82 4.17 14.94
C THR A 92 -6.04 4.18 13.60
N HIS A 93 -6.46 5.01 12.66
CA HIS A 93 -5.78 5.19 11.38
C HIS A 93 -4.60 6.13 11.49
N ASP A 94 -4.47 6.82 12.64
CA ASP A 94 -3.47 7.82 12.79
C ASP A 94 -2.62 7.48 14.04
N LEU A 95 -1.38 7.12 13.80
CA LEU A 95 -0.52 6.71 14.90
C LEU A 95 0.00 7.88 15.74
N SER A 96 -0.24 9.11 15.25
CA SER A 96 0.00 10.32 16.04
C SER A 96 -1.27 10.86 16.72
N ALA A 97 -2.35 10.10 16.83
CA ALA A 97 -3.62 10.62 17.41
C ALA A 97 -3.37 10.94 18.88
N ASP A 98 -4.19 11.83 19.44
CA ASP A 98 -3.99 12.35 20.80
C ASP A 98 -3.90 11.21 21.79
N GLY A 99 -2.88 11.23 22.65
CA GLY A 99 -2.73 10.19 23.66
C GLY A 99 -2.01 8.94 23.21
N LEU A 100 -1.55 8.86 21.97
CA LEU A 100 -0.70 7.77 21.60
C LEU A 100 0.75 8.19 21.79
N PRO A 101 1.59 7.23 22.23
CA PRO A 101 3.03 7.47 22.24
C PRO A 101 3.51 7.63 20.77
N ALA A 102 4.59 8.38 20.59
CA ALA A 102 5.22 8.60 19.30
C ALA A 102 5.71 7.19 18.76
N CYS A 103 5.46 6.90 17.50
CA CYS A 103 5.76 5.62 16.92
C CYS A 103 6.83 5.77 15.91
N GLU A 104 7.61 4.70 15.75
CA GLU A 104 8.74 4.67 14.82
C GLU A 104 8.61 3.44 13.96
N LEU A 105 8.89 3.60 12.65
CA LEU A 105 8.88 2.46 11.76
C LEU A 105 10.35 2.09 11.55
N VAL A 106 10.67 0.85 11.87
CA VAL A 106 12.01 0.26 11.65
C VAL A 106 11.88 -0.75 10.49
N THR A 107 12.59 -0.49 9.42
CA THR A 107 12.46 -1.24 8.17
C THR A 107 13.80 -1.73 7.61
N SER A 108 13.79 -2.92 7.06
CA SER A 108 15.01 -3.65 6.62
C SER A 108 15.63 -2.92 5.38
N ALA A 109 14.86 -2.04 4.72
CA ALA A 109 15.31 -1.30 3.54
C ALA A 109 14.52 0.01 3.43
N GLU A 110 15.15 0.95 2.75
CA GLU A 110 14.53 2.21 2.45
C GLU A 110 13.24 1.93 1.69
N PRO A 111 12.22 2.72 2.00
CA PRO A 111 10.89 2.45 1.44
C PRO A 111 10.75 2.74 -0.06
N CYS A 112 9.97 1.92 -0.77
CA CYS A 112 9.61 2.22 -2.13
C CYS A 112 8.66 3.43 -2.11
N VAL A 113 8.37 3.96 -3.30
CA VAL A 113 7.48 5.13 -3.39
C VAL A 113 6.05 4.90 -2.77
N MET A 114 5.50 3.71 -2.95
CA MET A 114 4.22 3.35 -2.27
C MET A 114 4.32 3.54 -0.75
N CYS A 115 5.32 2.86 -0.20
CA CYS A 115 5.58 2.83 1.22
C CYS A 115 6.02 4.18 1.77
N PHE A 116 6.70 4.97 0.97
CA PHE A 116 6.99 6.35 1.32
C PHE A 116 5.71 7.15 1.62
N GLY A 117 4.73 7.03 0.72
CA GLY A 117 3.45 7.68 0.95
C GLY A 117 2.79 7.13 2.19
N ALA A 118 2.80 5.81 2.35
CA ALA A 118 2.17 5.20 3.56
C ALA A 118 2.75 5.67 4.89
N VAL A 119 4.07 5.92 4.90
CA VAL A 119 4.77 6.38 6.07
C VAL A 119 4.25 7.77 6.37
N ILE A 120 4.18 8.61 5.35
CA ILE A 120 3.60 9.96 5.51
C ILE A 120 2.20 9.95 6.11
N TRP A 121 1.32 9.10 5.60
CA TRP A 121 -0.06 9.08 6.16
C TRP A 121 -0.22 8.39 7.45
N SER A 122 0.72 7.55 7.85
CA SER A 122 0.54 6.70 8.97
C SER A 122 0.51 7.35 10.38
N GLY A 123 1.16 8.49 10.52
CA GLY A 123 1.34 9.14 11.80
C GLY A 123 2.64 8.77 12.52
N VAL A 124 3.45 7.84 12.01
CA VAL A 124 4.80 7.65 12.63
C VAL A 124 5.60 8.92 12.55
N ARG A 125 6.45 9.14 13.53
CA ARG A 125 7.29 10.32 13.60
C ARG A 125 8.79 10.04 13.33
N SER A 126 9.11 8.77 13.07
CA SER A 126 10.48 8.32 12.90
C SER A 126 10.53 7.11 11.94
N LEU A 127 11.45 7.16 10.96
CA LEU A 127 11.70 6.10 10.01
C LEU A 127 13.17 5.71 10.13
N VAL A 128 13.44 4.43 10.32
CA VAL A 128 14.81 3.91 10.55
C VAL A 128 15.02 2.72 9.62
N CYS A 129 15.97 2.87 8.67
CA CYS A 129 16.17 1.90 7.65
C CYS A 129 17.57 1.28 7.73
N ALA A 130 17.64 0.01 7.28
CA ALA A 130 18.92 -0.71 7.13
C ALA A 130 19.51 -0.58 5.75
N ALA A 131 19.07 -1.39 4.80
CA ALA A 131 19.60 -1.37 3.42
C ALA A 131 19.21 -0.09 2.71
N ARG A 132 20.14 0.44 1.91
CA ARG A 132 19.84 1.58 1.08
C ARG A 132 19.03 1.21 -0.18
N SER A 133 18.37 2.22 -0.78
CA SER A 133 17.67 2.02 -2.06
C SER A 133 18.49 1.30 -3.14
N ASP A 134 19.74 1.70 -3.30
CA ASP A 134 20.65 1.02 -4.31
C ASP A 134 20.96 -0.44 -4.01
N ASP A 135 21.02 -0.81 -2.72
CA ASP A 135 21.20 -2.16 -2.33
C ASP A 135 20.04 -2.99 -2.81
N VAL A 136 18.82 -2.46 -2.67
CA VAL A 136 17.64 -3.23 -2.96
C VAL A 136 17.48 -3.42 -4.46
N GLU A 137 17.69 -2.33 -5.18
CA GLU A 137 17.67 -2.30 -6.65
C GLU A 137 18.72 -3.22 -7.29
N ALA A 138 19.88 -3.30 -6.69
CA ALA A 138 20.93 -4.22 -7.21
C ALA A 138 20.53 -5.70 -7.25
N ILE A 139 19.63 -6.16 -6.41
CA ILE A 139 19.11 -7.52 -6.52
C ILE A 139 17.76 -7.65 -7.25
N GLY A 140 17.42 -6.62 -8.05
CA GLY A 140 16.25 -6.59 -8.93
C GLY A 140 14.93 -6.13 -8.32
N PHE A 141 14.93 -5.56 -7.09
CA PHE A 141 13.70 -4.99 -6.49
C PHE A 141 13.66 -3.51 -6.71
N ASP A 142 12.73 -3.09 -7.51
CA ASP A 142 12.53 -1.70 -7.84
C ASP A 142 11.95 -0.93 -6.66
N GLU A 143 12.46 0.28 -6.45
CA GLU A 143 11.93 1.23 -5.44
C GLU A 143 10.99 2.25 -6.05
N GLY A 144 11.06 2.36 -7.39
CA GLY A 144 10.14 3.20 -8.14
C GLY A 144 10.49 4.65 -7.96
N PRO A 145 9.78 5.54 -8.67
CA PRO A 145 10.14 6.95 -8.65
C PRO A 145 9.62 7.69 -7.42
N ARG A 146 10.49 7.89 -6.46
CA ARG A 146 10.13 8.75 -5.35
C ARG A 146 10.43 10.19 -5.76
N PRO A 147 9.90 11.18 -5.07
CA PRO A 147 10.31 12.57 -5.37
C PRO A 147 11.78 12.82 -5.08
N GLU A 148 12.34 13.84 -5.73
CA GLU A 148 13.63 14.38 -5.43
C GLU A 148 13.69 14.70 -3.94
N ASN A 149 14.75 14.26 -3.32
CA ASN A 149 15.01 14.48 -1.93
C ASN A 149 13.89 13.99 -1.00
N TRP A 150 13.47 12.78 -1.23
CA TRP A 150 12.36 12.22 -0.44
C TRP A 150 12.67 12.19 1.05
N MET A 151 13.92 11.96 1.43
CA MET A 151 14.31 12.04 2.84
C MET A 151 14.03 13.39 3.43
N GLY A 152 14.44 14.43 2.70
CA GLY A 152 14.14 15.81 3.06
C GLY A 152 12.63 16.07 3.15
N GLY A 153 11.88 15.52 2.20
CA GLY A 153 10.41 15.57 2.22
C GLY A 153 9.88 15.02 3.51
N LEU A 154 10.44 13.91 4.02
CA LEU A 154 9.96 13.35 5.27
C LEU A 154 10.28 14.20 6.45
N GLU A 155 11.51 14.71 6.47
CA GLU A 155 11.99 15.53 7.57
C GLU A 155 11.14 16.81 7.67
N ALA A 156 10.87 17.41 6.51
CA ALA A 156 9.93 18.60 6.44
C ALA A 156 8.51 18.30 7.08
N ARG A 157 8.14 17.03 7.19
CA ARG A 157 6.88 16.65 7.83
C ARG A 157 7.02 16.21 9.30
N GLY A 158 8.21 16.39 9.84
CA GLY A 158 8.50 16.04 11.20
C GLY A 158 8.68 14.55 11.38
N ILE A 159 9.07 13.88 10.29
CA ILE A 159 9.29 12.46 10.38
C ILE A 159 10.82 12.35 10.34
N THR A 160 11.42 11.93 11.43
CA THR A 160 12.90 11.78 11.38
C THR A 160 13.32 10.59 10.52
N VAL A 161 14.40 10.71 9.72
CA VAL A 161 14.91 9.63 8.91
C VAL A 161 16.36 9.25 9.31
N THR A 162 16.59 7.97 9.47
CA THR A 162 17.92 7.40 9.70
C THR A 162 18.05 6.22 8.73
N THR A 163 19.18 6.09 8.08
CA THR A 163 19.35 4.91 7.20
C THR A 163 20.76 4.33 7.36
N GLY A 164 20.90 3.09 6.94
CA GLY A 164 22.19 2.43 7.01
C GLY A 164 22.40 1.66 8.28
N LEU A 165 21.40 1.55 9.13
CA LEU A 165 21.59 0.87 10.38
C LEU A 165 21.60 -0.62 10.18
N LEU A 166 22.66 -1.33 10.62
CA LEU A 166 22.96 -2.74 10.34
C LEU A 166 22.88 -3.05 8.86
N ARG A 167 23.36 -2.11 8.04
CA ARG A 167 23.22 -2.24 6.63
C ARG A 167 23.97 -3.54 6.13
N ASP A 168 25.12 -3.83 6.71
CA ASP A 168 25.93 -5.02 6.25
C ASP A 168 25.18 -6.34 6.41
N ALA A 169 24.53 -6.52 7.55
CA ALA A 169 23.75 -7.68 7.74
C ALA A 169 22.50 -7.71 6.80
N ALA A 170 21.89 -6.54 6.59
CA ALA A 170 20.77 -6.48 5.73
C ALA A 170 21.18 -6.82 4.29
N CYS A 171 22.32 -6.30 3.86
CA CYS A 171 22.80 -6.60 2.52
C CYS A 171 23.07 -8.10 2.42
N ALA A 172 23.66 -8.72 3.46
CA ALA A 172 23.95 -10.16 3.43
C ALA A 172 22.65 -10.94 3.23
N LEU A 173 21.57 -10.51 3.85
CA LEU A 173 20.25 -11.14 3.62
C LEU A 173 19.66 -10.93 2.21
N LEU A 174 19.83 -9.74 1.65
CA LEU A 174 19.47 -9.50 0.28
C LEU A 174 20.20 -10.49 -0.65
N ARG A 175 21.49 -10.57 -0.51
CA ARG A 175 22.34 -11.46 -1.38
C ARG A 175 21.94 -12.95 -1.21
N GLU A 176 21.61 -13.35 0.02
CA GLU A 176 21.14 -14.71 0.29
C GLU A 176 19.83 -15.05 -0.42
N TYR A 177 18.89 -14.12 -0.41
CA TYR A 177 17.63 -14.29 -1.06
C TYR A 177 17.88 -14.41 -2.56
N ASN A 178 18.76 -13.57 -3.09
CA ASN A 178 18.99 -13.48 -4.57
C ASN A 178 19.61 -14.79 -5.08
N ALA A 179 20.63 -15.23 -4.36
CA ALA A 179 21.26 -16.53 -4.61
C ALA A 179 20.28 -17.72 -4.56
N CYS A 180 19.21 -17.67 -3.77
CA CYS A 180 18.16 -18.70 -3.73
C CYS A 180 16.88 -18.41 -4.47
N ASN A 181 16.93 -17.43 -5.37
CA ASN A 181 15.74 -17.08 -6.17
CA ASN A 181 15.81 -16.92 -6.16
C ASN A 181 16.08 -17.36 -7.62
N GLY A 182 15.93 -18.64 -7.89
CA GLY A 182 16.13 -19.22 -9.20
C GLY A 182 15.24 -20.45 -9.19
N VAL A 183 15.05 -21.03 -10.35
CA VAL A 183 14.16 -22.19 -10.47
C VAL A 183 14.90 -23.50 -10.32
N ILE A 184 16.22 -23.49 -10.51
CA ILE A 184 17.01 -24.74 -10.46
C ILE A 184 17.25 -25.15 -9.01
N TYR A 185 16.89 -26.37 -8.64
CA TYR A 185 16.88 -26.75 -7.22
C TYR A 185 18.30 -26.68 -6.65
N ASN A 186 18.43 -26.16 -5.44
CA ASN A 186 19.73 -26.03 -4.77
C ASN A 186 19.50 -26.32 -3.32
N ALA A 187 19.90 -27.53 -2.93
CA ALA A 187 19.59 -28.06 -1.60
C ALA A 187 20.08 -27.16 -0.47
N ARG A 188 21.11 -26.36 -0.76
CA ARG A 188 21.65 -25.44 0.24
C ARG A 188 20.67 -24.32 0.56
N CYS A 189 19.79 -24.00 -0.40
CA CYS A 189 18.67 -23.11 -0.18
C CYS A 189 17.60 -23.87 0.59
N MET B 1 -7.61 -8.95 14.43
CA MET B 1 -7.18 -10.41 14.28
C MET B 1 -5.71 -10.65 14.62
N ASN B 2 -5.43 -11.77 15.30
CA ASN B 2 -4.04 -12.16 15.60
C ASN B 2 -3.29 -12.47 14.27
N ASP B 3 -4.01 -13.08 13.33
CA ASP B 3 -3.43 -13.81 12.20
C ASP B 3 -3.70 -13.28 10.77
N ALA B 4 -4.14 -12.02 10.66
CA ALA B 4 -4.35 -11.40 9.34
C ALA B 4 -4.52 -9.90 9.48
N LEU B 5 -4.07 -9.18 8.47
CA LEU B 5 -4.58 -7.86 8.21
C LEU B 5 -5.93 -8.07 7.46
N HIS B 6 -6.99 -7.57 8.07
CA HIS B 6 -8.36 -7.77 7.61
C HIS B 6 -9.12 -6.40 7.63
N ILE B 7 -9.38 -5.88 6.45
CA ILE B 7 -10.18 -4.66 6.30
C ILE B 7 -11.55 -5.07 5.76
N GLY B 8 -12.55 -5.17 6.64
CA GLY B 8 -13.92 -5.51 6.27
C GLY B 8 -14.52 -4.42 5.36
N LEU B 9 -15.51 -4.79 4.56
CA LEU B 9 -16.13 -3.88 3.60
C LEU B 9 -17.60 -3.66 3.98
N PRO B 10 -18.08 -2.42 3.80
CA PRO B 10 -19.53 -2.22 3.97
C PRO B 10 -20.41 -2.91 2.90
N PRO B 11 -21.69 -3.18 3.23
CA PRO B 11 -22.57 -3.96 2.33
C PRO B 11 -22.56 -3.53 0.85
N PHE B 12 -22.65 -2.24 0.58
CA PHE B 12 -22.65 -1.81 -0.81
C PHE B 12 -21.41 -2.26 -1.56
N LEU B 13 -20.29 -2.32 -0.84
CA LEU B 13 -19.00 -2.61 -1.44
C LEU B 13 -18.79 -4.11 -1.61
N VAL B 14 -19.23 -4.89 -0.64
CA VAL B 14 -19.33 -6.32 -0.89
C VAL B 14 -20.21 -6.65 -2.11
N GLN B 15 -21.35 -5.97 -2.24
CA GLN B 15 -22.21 -6.21 -3.38
C GLN B 15 -21.50 -5.82 -4.69
N ALA B 16 -20.86 -4.66 -4.73
CA ALA B 16 -20.14 -4.19 -5.92
C ALA B 16 -19.08 -5.18 -6.39
N ASN B 17 -18.44 -5.88 -5.44
CA ASN B 17 -17.40 -6.83 -5.78
C ASN B 17 -17.91 -8.22 -6.16
N ASN B 18 -19.21 -8.47 -6.01
CA ASN B 18 -19.82 -9.75 -6.30
C ASN B 18 -21.13 -9.70 -7.07
N GLU B 19 -21.36 -8.65 -7.83
CA GLU B 19 -22.45 -8.54 -8.77
C GLU B 19 -21.83 -8.45 -10.19
N PRO B 20 -22.35 -9.21 -11.14
CA PRO B 20 -21.78 -9.07 -12.50
C PRO B 20 -22.04 -7.69 -13.11
N ARG B 21 -21.05 -7.10 -13.76
CA ARG B 21 -21.26 -5.79 -14.33
C ARG B 21 -20.26 -5.53 -15.47
N VAL B 22 -20.76 -5.27 -16.63
CA VAL B 22 -19.91 -5.03 -17.80
C VAL B 22 -20.28 -3.67 -18.28
N LEU B 23 -19.32 -2.76 -18.24
CA LEU B 23 -19.51 -1.34 -18.60
C LEU B 23 -18.50 -1.01 -19.67
N ALA B 24 -18.96 -1.01 -20.90
CA ALA B 24 -18.07 -0.87 -22.07
C ALA B 24 -17.42 0.51 -22.12
N ALA B 25 -18.22 1.56 -22.05
CA ALA B 25 -17.73 2.90 -22.31
C ALA B 25 -17.01 3.41 -21.09
N PRO B 26 -15.91 4.19 -21.27
CA PRO B 26 -15.20 4.84 -20.18
C PRO B 26 -16.11 5.61 -19.21
N GLU B 27 -17.10 6.37 -19.74
CA GLU B 27 -17.92 7.17 -18.86
C GLU B 27 -18.92 6.31 -18.07
N ALA B 28 -19.33 5.19 -18.64
CA ALA B 28 -20.16 4.24 -17.90
C ALA B 28 -19.41 3.67 -16.69
N ARG B 29 -18.15 3.37 -16.90
CA ARG B 29 -17.26 2.89 -15.84
C ARG B 29 -17.11 3.99 -14.78
N MET B 30 -16.81 5.19 -15.22
CA MET B 30 -16.61 6.27 -14.25
C MET B 30 -17.89 6.60 -13.52
N GLY B 31 -19.03 6.50 -14.22
CA GLY B 31 -20.29 6.80 -13.61
C GLY B 31 -20.57 5.84 -12.48
N TYR B 32 -20.32 4.58 -12.70
CA TYR B 32 -20.53 3.58 -11.62
C TYR B 32 -19.57 3.89 -10.44
N VAL B 33 -18.31 4.21 -10.76
CA VAL B 33 -17.36 4.60 -9.69
C VAL B 33 -17.87 5.83 -8.86
N LEU B 34 -18.51 6.79 -9.52
CA LEU B 34 -19.08 7.95 -8.75
C LEU B 34 -20.26 7.50 -7.93
N GLU B 35 -21.05 6.52 -8.38
CA GLU B 35 -22.11 5.93 -7.48
C GLU B 35 -21.54 5.36 -6.22
N LEU B 36 -20.39 4.71 -6.36
CA LEU B 36 -19.67 4.13 -5.21
C LEU B 36 -19.14 5.22 -4.25
N VAL B 37 -18.74 6.36 -4.79
CA VAL B 37 -18.34 7.52 -3.95
C VAL B 37 -19.49 7.89 -3.04
N ARG B 38 -20.65 8.11 -3.63
CA ARG B 38 -21.80 8.52 -2.85
C ARG B 38 -22.19 7.48 -1.81
N ALA B 39 -22.28 6.24 -2.20
CA ALA B 39 -22.58 5.17 -1.23
C ALA B 39 -21.54 5.09 -0.09
N ASN B 40 -20.29 5.40 -0.38
CA ASN B 40 -19.26 5.33 0.63
C ASN B 40 -19.37 6.43 1.67
N ILE B 41 -19.74 7.62 1.18
CA ILE B 41 -19.94 8.74 2.08
C ILE B 41 -21.08 8.35 3.00
N ALA B 42 -22.11 7.73 2.47
CA ALA B 42 -23.25 7.37 3.35
C ALA B 42 -22.87 6.28 4.32
N ALA B 43 -21.85 5.47 3.98
CA ALA B 43 -21.29 4.43 4.87
C ALA B 43 -20.01 4.86 5.64
N ASP B 44 -19.97 6.13 6.05
CA ASP B 44 -18.96 6.70 6.97
C ASP B 44 -17.53 6.79 6.44
N GLY B 45 -17.38 6.83 5.11
CA GLY B 45 -16.07 6.89 4.51
C GLY B 45 -15.87 8.12 3.69
N GLY B 46 -14.62 8.29 3.28
CA GLY B 46 -14.22 9.43 2.52
C GLY B 46 -14.80 9.45 1.12
N PRO B 47 -14.63 10.59 0.42
CA PRO B 47 -15.30 10.78 -0.88
C PRO B 47 -14.49 10.23 -2.03
N PHE B 48 -14.13 8.95 -1.95
CA PHE B 48 -13.18 8.37 -2.94
C PHE B 48 -13.63 6.97 -3.25
N ALA B 49 -13.56 6.62 -4.55
CA ALA B 49 -13.85 5.27 -4.96
C ALA B 49 -13.05 4.93 -6.19
N ALA B 50 -12.87 3.65 -6.41
CA ALA B 50 -12.17 3.19 -7.57
C ALA B 50 -12.61 1.77 -7.90
N ALA B 51 -12.34 1.39 -9.12
CA ALA B 51 -12.65 0.03 -9.58
C ALA B 51 -11.69 -0.42 -10.65
N VAL B 52 -11.43 -1.73 -10.62
CA VAL B 52 -10.66 -2.34 -11.66
C VAL B 52 -11.60 -3.03 -12.67
N PHE B 53 -11.35 -2.74 -13.94
CA PHE B 53 -12.10 -3.24 -15.05
C PHE B 53 -11.14 -3.91 -16.07
N GLU B 54 -11.65 -4.91 -16.82
CA GLU B 54 -10.89 -5.44 -17.92
C GLU B 54 -11.01 -4.31 -18.89
N ARG B 55 -9.89 -3.84 -19.33
CA ARG B 55 -9.80 -2.70 -20.19
C ARG B 55 -10.69 -2.71 -21.41
N ASP B 56 -10.64 -3.75 -22.17
CA ASP B 56 -11.36 -3.77 -23.44
C ASP B 56 -12.86 -4.10 -23.29
N SER B 57 -13.21 -5.14 -22.58
CA SER B 57 -14.60 -5.50 -22.36
C SER B 57 -15.37 -4.57 -21.39
N GLY B 58 -14.68 -4.14 -20.33
CA GLY B 58 -15.30 -3.34 -19.28
C GLY B 58 -15.99 -4.22 -18.25
N LEU B 59 -15.59 -5.46 -18.20
CA LEU B 59 -16.02 -6.31 -17.07
C LEU B 59 -15.38 -5.81 -15.77
N LEU B 60 -16.24 -5.56 -14.80
CA LEU B 60 -15.78 -5.12 -13.49
C LEU B 60 -15.21 -6.31 -12.79
N ILE B 61 -14.00 -6.12 -12.28
CA ILE B 61 -13.24 -7.15 -11.56
C ILE B 61 -13.34 -6.90 -10.07
N ALA B 62 -13.09 -5.67 -9.65
CA ALA B 62 -13.23 -5.36 -8.23
C ALA B 62 -13.38 -3.88 -8.02
N ALA B 63 -13.82 -3.54 -6.83
CA ALA B 63 -14.02 -2.17 -6.44
C ALA B 63 -13.55 -1.87 -5.03
N GLY B 64 -13.15 -0.62 -4.82
CA GLY B 64 -12.67 -0.20 -3.51
C GLY B 64 -13.14 1.20 -3.23
N THR B 65 -13.23 1.54 -1.97
CA THR B 65 -13.57 2.89 -1.59
C THR B 65 -12.68 3.31 -0.41
N ALA B 66 -12.69 4.58 -0.07
CA ALA B 66 -11.92 5.06 1.09
C ALA B 66 -12.51 4.48 2.38
N ARG B 67 -11.74 3.65 3.09
CA ARG B 67 -12.18 3.12 4.38
C ARG B 67 -11.14 3.41 5.52
N VAL B 68 -10.38 4.48 5.34
CA VAL B 68 -9.33 4.90 6.26
C VAL B 68 -9.86 5.02 7.69
N VAL B 69 -10.88 5.82 7.88
CA VAL B 69 -11.33 6.09 9.25
C VAL B 69 -12.11 4.93 9.82
N PRO B 70 -13.16 4.45 9.15
CA PRO B 70 -13.91 3.38 9.79
C PRO B 70 -13.13 2.08 9.84
N GLY B 71 -12.17 1.87 8.90
CA GLY B 71 -11.29 0.71 8.90
C GLY B 71 -10.04 0.79 9.77
N ARG B 72 -9.80 1.95 10.36
CA ARG B 72 -8.62 2.17 11.19
C ARG B 72 -7.36 1.76 10.42
N CYS B 73 -7.17 2.35 9.26
CA CYS B 73 -6.06 1.96 8.38
C CYS B 73 -5.79 3.08 7.35
N SER B 74 -4.67 3.77 7.53
CA SER B 74 -4.30 4.84 6.61
C SER B 74 -3.94 4.36 5.23
N ALA B 75 -3.69 3.08 5.03
CA ALA B 75 -3.43 2.60 3.68
C ALA B 75 -4.69 2.24 2.93
N ALA B 76 -5.86 2.28 3.60
CA ALA B 76 -7.11 1.83 2.97
C ALA B 76 -7.74 2.92 2.09
N HIS B 77 -6.97 3.39 1.12
CA HIS B 77 -7.45 4.23 0.07
C HIS B 77 -8.24 3.38 -0.90
N ALA B 78 -9.18 4.02 -1.57
CA ALA B 78 -10.02 3.36 -2.56
C ALA B 78 -9.18 2.58 -3.59
N GLU B 79 -8.10 3.20 -4.07
CA GLU B 79 -7.30 2.58 -5.08
C GLU B 79 -6.59 1.26 -4.59
N ILE B 80 -6.03 1.30 -3.38
CA ILE B 80 -5.37 0.15 -2.76
C ILE B 80 -6.36 -0.97 -2.58
N LEU B 81 -7.58 -0.64 -2.10
CA LEU B 81 -8.59 -1.70 -1.96
C LEU B 81 -8.94 -2.24 -3.33
N ALA B 82 -9.13 -1.38 -4.33
CA ALA B 82 -9.67 -1.87 -5.62
C ALA B 82 -8.56 -2.81 -6.23
N LEU B 83 -7.30 -2.31 -6.21
CA LEU B 83 -6.21 -3.09 -6.83
C LEU B 83 -6.01 -4.42 -6.12
N SER B 84 -6.02 -4.40 -4.80
CA SER B 84 -5.86 -5.60 -3.99
C SER B 84 -6.97 -6.64 -4.11
N LEU B 85 -8.21 -6.19 -4.12
CA LEU B 85 -9.33 -7.11 -4.32
C LEU B 85 -9.35 -7.67 -5.73
N ALA B 86 -8.87 -6.92 -6.72
CA ALA B 86 -8.75 -7.47 -8.07
C ALA B 86 -7.70 -8.61 -8.16
N GLN B 87 -6.56 -8.39 -7.52
CA GLN B 87 -5.51 -9.40 -7.46
C GLN B 87 -5.97 -10.64 -6.74
N ALA B 88 -6.72 -10.47 -5.66
CA ALA B 88 -7.27 -11.60 -4.95
C ALA B 88 -8.24 -12.35 -5.86
N LYS B 89 -9.12 -11.66 -6.56
CA LYS B 89 -10.08 -12.38 -7.40
C LYS B 89 -9.40 -13.13 -8.57
N LEU B 90 -8.40 -12.52 -9.21
CA LEU B 90 -7.69 -13.10 -10.28
C LEU B 90 -6.54 -14.03 -9.83
N ASP B 91 -6.37 -14.21 -8.52
CA ASP B 91 -5.33 -15.11 -7.96
C ASP B 91 -3.94 -14.79 -8.44
N THR B 92 -3.57 -13.53 -8.36
CA THR B 92 -2.25 -13.13 -8.72
C THR B 92 -1.95 -11.76 -8.14
N HIS B 93 -0.72 -11.57 -7.76
CA HIS B 93 -0.23 -10.29 -7.25
C HIS B 93 0.15 -9.36 -8.42
N ASP B 94 0.15 -9.87 -9.66
CA ASP B 94 0.51 -9.11 -10.86
C ASP B 94 -0.58 -9.16 -11.94
N LEU B 95 -1.27 -8.06 -12.13
CA LEU B 95 -2.40 -8.00 -13.07
C LEU B 95 -1.94 -7.97 -14.54
N SER B 96 -0.66 -7.87 -14.79
CA SER B 96 -0.10 -8.04 -16.13
CA SER B 96 -0.10 -8.06 -16.14
C SER B 96 0.45 -9.49 -16.32
N ALA B 97 0.17 -10.40 -15.40
CA ALA B 97 0.66 -11.78 -15.61
C ALA B 97 0.20 -12.36 -16.98
N ASP B 98 0.99 -13.26 -17.51
CA ASP B 98 0.72 -13.78 -18.83
C ASP B 98 -0.65 -14.46 -18.83
N GLY B 99 -1.46 -14.15 -19.83
CA GLY B 99 -2.74 -14.76 -20.01
C GLY B 99 -3.90 -14.05 -19.33
N LEU B 100 -3.59 -13.08 -18.48
CA LEU B 100 -4.61 -12.21 -17.95
C LEU B 100 -4.98 -11.13 -18.99
N PRO B 101 -6.24 -10.72 -19.07
CA PRO B 101 -6.57 -9.57 -19.93
C PRO B 101 -6.02 -8.30 -19.33
N ALA B 102 -5.74 -7.31 -20.18
CA ALA B 102 -5.29 -5.99 -19.66
C ALA B 102 -6.38 -5.38 -18.71
N CYS B 103 -5.90 -4.86 -17.58
CA CYS B 103 -6.73 -4.27 -16.53
C CYS B 103 -6.51 -2.77 -16.47
N GLU B 104 -7.58 -2.06 -16.06
CA GLU B 104 -7.63 -0.62 -15.98
C GLU B 104 -8.16 -0.25 -14.58
N LEU B 105 -7.49 0.70 -13.92
CA LEU B 105 -8.05 1.26 -12.69
C LEU B 105 -8.76 2.59 -13.02
N VAL B 106 -10.02 2.64 -12.73
CA VAL B 106 -10.87 3.77 -12.86
C VAL B 106 -11.11 4.36 -11.47
N THR B 107 -10.69 5.59 -11.31
CA THR B 107 -10.68 6.21 -10.05
C THR B 107 -11.38 7.59 -10.02
N SER B 108 -12.10 7.87 -8.92
CA SER B 108 -12.83 9.18 -8.72
C SER B 108 -11.94 10.42 -8.65
N ALA B 109 -10.68 10.25 -8.30
CA ALA B 109 -9.69 11.31 -8.29
C ALA B 109 -8.27 10.81 -8.61
N GLU B 110 -7.40 11.74 -8.97
CA GLU B 110 -6.00 11.39 -9.21
C GLU B 110 -5.37 10.83 -7.93
N PRO B 111 -4.49 9.84 -8.06
CA PRO B 111 -3.96 9.08 -6.90
C PRO B 111 -3.00 9.95 -6.07
N CYS B 112 -3.07 9.81 -4.76
CA CYS B 112 -1.95 10.23 -3.89
C CYS B 112 -0.62 9.51 -4.16
N VAL B 113 0.48 10.03 -3.58
CA VAL B 113 1.84 9.40 -3.74
C VAL B 113 1.88 7.88 -3.41
N MET B 114 1.21 7.49 -2.33
CA MET B 114 1.08 6.07 -2.00
C MET B 114 0.41 5.24 -3.10
N CYS B 115 -0.76 5.73 -3.56
CA CYS B 115 -1.58 5.05 -4.56
C CYS B 115 -0.89 5.06 -5.92
N PHE B 116 -0.16 6.11 -6.17
CA PHE B 116 0.70 6.21 -7.36
C PHE B 116 1.69 5.05 -7.40
N GLY B 117 2.29 4.77 -6.24
CA GLY B 117 3.19 3.63 -6.15
C GLY B 117 2.46 2.32 -6.35
N ALA B 118 1.31 2.19 -5.66
CA ALA B 118 0.47 0.96 -5.74
C ALA B 118 0.08 0.64 -7.16
N VAL B 119 -0.26 1.69 -7.93
CA VAL B 119 -0.65 1.55 -9.30
C VAL B 119 0.52 0.97 -10.09
N ILE B 120 1.72 1.45 -9.79
CA ILE B 120 2.88 0.99 -10.56
C ILE B 120 3.16 -0.48 -10.30
N TRP B 121 3.06 -0.93 -9.07
CA TRP B 121 3.33 -2.35 -8.77
C TRP B 121 2.21 -3.28 -9.13
N SER B 122 1.00 -2.78 -9.36
CA SER B 122 -0.21 -3.67 -9.46
C SER B 122 -0.25 -4.50 -10.72
N GLY B 123 0.40 -4.02 -11.78
CA GLY B 123 0.23 -4.64 -13.10
C GLY B 123 -0.91 -4.04 -13.97
N VAL B 124 -1.67 -3.01 -13.51
CA VAL B 124 -2.71 -2.42 -14.38
C VAL B 124 -1.97 -1.72 -15.53
N ARG B 125 -2.66 -1.60 -16.66
CA ARG B 125 -2.09 -1.03 -17.88
C ARG B 125 -2.74 0.29 -18.20
N SER B 126 -3.72 0.73 -17.39
CA SER B 126 -4.41 1.96 -17.68
C SER B 126 -5.00 2.53 -16.39
N LEU B 127 -4.82 3.84 -16.23
CA LEU B 127 -5.40 4.62 -15.13
C LEU B 127 -6.27 5.65 -15.73
N VAL B 128 -7.54 5.70 -15.27
CA VAL B 128 -8.53 6.69 -15.69
C VAL B 128 -9.07 7.45 -14.46
N CYS B 129 -8.86 8.76 -14.46
CA CYS B 129 -9.22 9.61 -13.30
C CYS B 129 -10.29 10.66 -13.63
N ALA B 130 -11.11 11.00 -12.63
CA ALA B 130 -12.14 12.02 -12.76
C ALA B 130 -11.62 13.32 -12.27
N ALA B 131 -11.71 13.51 -10.94
CA ALA B 131 -11.23 14.73 -10.28
C ALA B 131 -9.74 14.86 -10.31
N ARG B 132 -9.30 16.11 -10.42
CA ARG B 132 -7.88 16.43 -10.43
C ARG B 132 -7.29 16.53 -9.02
N SER B 133 -5.97 16.41 -8.97
CA SER B 133 -5.23 16.61 -7.72
C SER B 133 -5.63 17.88 -7.05
N ASP B 134 -5.72 18.97 -7.82
CA ASP B 134 -6.09 20.30 -7.26
C ASP B 134 -7.51 20.28 -6.65
N ASP B 135 -8.40 19.48 -7.23
CA ASP B 135 -9.77 19.40 -6.74
C ASP B 135 -9.86 18.72 -5.36
N VAL B 136 -9.11 17.65 -5.18
CA VAL B 136 -8.98 16.90 -3.91
C VAL B 136 -8.32 17.78 -2.81
N GLU B 137 -7.22 18.42 -3.17
CA GLU B 137 -6.51 19.35 -2.27
C GLU B 137 -7.41 20.48 -1.85
N ALA B 138 -8.25 20.94 -2.78
CA ALA B 138 -9.22 22.03 -2.46
C ALA B 138 -10.37 21.68 -1.54
N ILE B 139 -10.53 20.40 -1.16
CA ILE B 139 -11.41 20.09 -0.06
C ILE B 139 -10.66 19.46 1.12
N GLY B 140 -9.36 19.70 1.18
CA GLY B 140 -8.57 19.34 2.34
C GLY B 140 -7.94 17.97 2.38
N PHE B 141 -7.93 17.23 1.26
CA PHE B 141 -7.27 15.96 1.21
C PHE B 141 -5.95 16.14 0.56
N ASP B 142 -4.92 15.70 1.25
CA ASP B 142 -3.56 15.83 0.79
C ASP B 142 -3.20 14.71 -0.22
N GLU B 143 -2.50 15.05 -1.29
CA GLU B 143 -2.03 14.09 -2.28
C GLU B 143 -0.58 13.66 -2.04
N GLY B 144 0.14 14.51 -1.32
CA GLY B 144 1.47 14.24 -0.78
C GLY B 144 2.47 14.54 -1.86
N PRO B 145 3.73 14.33 -1.58
CA PRO B 145 4.80 14.72 -2.50
C PRO B 145 5.00 13.64 -3.55
N ARG B 146 4.36 13.77 -4.66
CA ARG B 146 4.58 12.81 -5.70
C ARG B 146 5.75 13.33 -6.52
N PRO B 147 6.45 12.47 -7.25
CA PRO B 147 7.50 13.02 -8.13
C PRO B 147 6.94 13.98 -9.17
N GLU B 148 7.80 14.93 -9.58
CA GLU B 148 7.56 15.75 -10.74
C GLU B 148 7.13 14.84 -11.87
N ASN B 149 6.11 15.24 -12.59
CA ASN B 149 5.68 14.54 -13.77
C ASN B 149 5.28 13.07 -13.47
N TRP B 150 4.48 12.93 -12.42
CA TRP B 150 4.02 11.60 -12.02
C TRP B 150 3.21 10.93 -13.14
N MET B 151 2.46 11.70 -13.94
CA MET B 151 1.79 11.08 -15.09
C MET B 151 2.75 10.47 -16.10
N GLY B 152 3.83 11.20 -16.43
CA GLY B 152 4.90 10.67 -17.34
C GLY B 152 5.57 9.44 -16.72
N GLY B 153 5.66 9.41 -15.38
CA GLY B 153 6.20 8.27 -14.69
C GLY B 153 5.39 7.00 -14.89
N LEU B 154 4.06 7.14 -14.85
CA LEU B 154 3.20 6.03 -15.09
C LEU B 154 3.25 5.60 -16.56
N GLU B 155 3.21 6.56 -17.47
CA GLU B 155 3.26 6.26 -18.92
C GLU B 155 4.56 5.57 -19.32
N ALA B 156 5.67 5.91 -18.66
CA ALA B 156 6.99 5.30 -18.98
C ALA B 156 7.02 3.88 -18.51
N ARG B 157 6.13 3.53 -17.56
CA ARG B 157 5.98 2.12 -17.14
C ARG B 157 4.85 1.38 -17.82
N GLY B 158 4.34 1.91 -18.92
CA GLY B 158 3.30 1.23 -19.72
C GLY B 158 1.88 1.39 -19.17
N ILE B 159 1.68 2.40 -18.31
CA ILE B 159 0.37 2.65 -17.76
C ILE B 159 -0.14 3.93 -18.42
N THR B 160 -1.08 3.77 -19.33
CA THR B 160 -1.70 4.92 -19.99
C THR B 160 -2.54 5.65 -18.93
N VAL B 161 -2.46 6.98 -18.94
CA VAL B 161 -3.19 7.82 -18.01
C VAL B 161 -4.24 8.69 -18.68
N THR B 162 -5.45 8.72 -18.15
CA THR B 162 -6.49 9.65 -18.57
C THR B 162 -7.02 10.35 -17.35
N THR B 163 -7.22 11.65 -17.52
CA THR B 163 -7.67 12.49 -16.43
C THR B 163 -8.84 13.35 -16.87
N GLY B 164 -9.58 13.86 -15.90
CA GLY B 164 -10.67 14.79 -16.17
C GLY B 164 -12.01 14.18 -16.64
N LEU B 165 -12.11 12.85 -16.67
CA LEU B 165 -13.25 12.15 -17.18
C LEU B 165 -14.41 12.21 -16.14
N LEU B 166 -15.49 12.89 -16.50
CA LEU B 166 -16.63 13.26 -15.57
C LEU B 166 -16.19 14.05 -14.35
N ARG B 167 -15.18 14.87 -14.58
CA ARG B 167 -14.62 15.69 -13.54
C ARG B 167 -15.71 16.49 -12.85
N ASP B 168 -16.57 17.12 -13.61
CA ASP B 168 -17.55 18.00 -12.98
C ASP B 168 -18.49 17.22 -12.09
N ALA B 169 -18.90 16.05 -12.52
CA ALA B 169 -19.82 15.26 -11.73
C ALA B 169 -19.10 14.83 -10.46
N ALA B 170 -17.81 14.46 -10.60
CA ALA B 170 -17.04 14.05 -9.43
C ALA B 170 -16.88 15.19 -8.43
N CYS B 171 -16.68 16.39 -8.97
CA CYS B 171 -16.43 17.64 -8.16
C CYS B 171 -17.66 17.97 -7.37
N ALA B 172 -18.81 17.75 -7.96
CA ALA B 172 -20.08 18.00 -7.25
C ALA B 172 -20.18 17.13 -6.00
N LEU B 173 -19.78 15.88 -6.09
CA LEU B 173 -19.78 14.99 -4.91
C LEU B 173 -18.70 15.42 -3.92
N LEU B 174 -17.56 15.91 -4.41
CA LEU B 174 -16.51 16.39 -3.48
C LEU B 174 -17.04 17.60 -2.71
N ARG B 175 -17.65 18.55 -3.43
CA ARG B 175 -18.13 19.75 -2.78
C ARG B 175 -19.25 19.41 -1.79
N GLU B 176 -20.10 18.46 -2.17
CA GLU B 176 -21.14 18.04 -1.22
C GLU B 176 -20.54 17.50 0.07
N TYR B 177 -19.53 16.64 -0.06
CA TYR B 177 -18.91 16.04 1.07
C TYR B 177 -18.28 17.13 1.96
N ASN B 178 -17.53 18.03 1.33
CA ASN B 178 -16.81 19.08 2.06
C ASN B 178 -17.83 19.91 2.87
N ALA B 179 -18.92 20.29 2.23
CA ALA B 179 -19.93 21.06 2.86
C ALA B 179 -20.61 20.35 4.05
N CYS B 180 -20.72 19.04 4.04
CA CYS B 180 -21.22 18.30 5.18
C CYS B 180 -20.07 17.64 5.93
ZN ZN C . 7.09 -0.59 -0.50
C4 AZG D . 9.41 -3.89 -0.30
N3 AZG D . 10.06 -2.93 -0.99
C2 AZG D . 10.27 -3.09 -2.36
N2 AZG D . 10.89 -2.19 -3.10
N1 AZG D . 9.87 -4.15 -3.05
C6 AZG D . 9.24 -5.16 -2.36
O6 AZG D . 8.83 -6.25 -2.93
C5 AZG D . 8.90 -5.05 -0.94
N7 AZG D . 8.26 -5.80 -0.02
N8 AZG D . 8.32 -5.19 1.20
N9 AZG D . 9.02 -3.98 0.97
ZN ZN E . -4.08 7.19 -2.12
C4 AZG F . -7.64 8.73 -1.33
N3 AZG F . -6.83 9.77 -1.76
C2 AZG F . -6.50 10.70 -0.90
N2 AZG F . -5.66 11.69 -1.30
N1 AZG F . -6.90 10.70 0.41
C6 AZG F . -7.71 9.76 0.89
O6 AZG F . -8.11 9.83 2.15
C5 AZG F . -8.15 8.69 0.02
N7 AZG F . -8.88 7.61 0.11
N8 AZG F . -8.95 6.95 -1.09
N9 AZG F . -8.15 7.70 -1.99
C1 EDO G . -14.22 -0.87 7.53
O1 EDO G . -14.57 -0.76 6.14
C2 EDO G . -15.39 -1.28 8.39
O2 EDO G . -16.34 -0.28 8.07
#